data_6D7X
#
_entry.id   6D7X
#
_cell.length_a   144.350
_cell.length_b   144.350
_cell.length_c   113.370
_cell.angle_alpha   90.00
_cell.angle_beta   90.00
_cell.angle_gamma   90.00
#
_symmetry.space_group_name_H-M   'P 4 21 2'
#
loop_
_entity.id
_entity.type
_entity.pdbx_description
1 polymer 'Transient receptor potential cation channel subfamily V member 6'
2 non-polymer 'CALCIUM ION'
3 non-polymer '2-aminoethyl (4-bromophenyl)phenylborinate'
4 non-polymer '6-(5-METHYL-2-OXO-IMIDAZOLIDIN-4-YL)-HEXANOIC ACID'
#
_entity_poly.entity_id   1
_entity_poly.type   'polypeptide(L)'
_entity_poly.pdbx_seq_one_letter_code
;MGWSLPKEKGLILCLWNKFCRWFHRRESWAQSRDEQNLLQQKRIWESPLLLAAKENNVQALYKLLKFEGCEVHQKGAMGE
TALHIAALYDNNEAAQVLMEAAPELVFEPMTSELYEGQTALHIAVINQNVNLVRALLARGASVSARATGSVFHYRPHNLI
YYGEHPLSFAACVGSEEIVRLLIEHGADIRAQDSLGNTVLHILILQPNKTFACQMYNLLLSYDGGDHLKSLELVPNNQGL
TPFKLAGVEGNIVMFQHLMQKRKHIQWTYGPLTSTLYDLTEIDSSGDDQSLLELIVTTKKREARQILDQTPVKELVSLKW
KRYGRPYFCVLGAIYVLYIICFTMCCVYRPLKPRITNRTNPRDNTLLQQKLLQEAYVTPKDDLRLVGELVSIVGAVIILL
VEIPDIFRLGVTRFFGQTILGGPFHVIIVTYAFMVLVTMVMRLTNSDGEVVPMSFALVLGWCNVMAFARGFQMLGPFTIM
IQKMIFGDLMRFCWLMAVVILGFASAFYIIFQTEDPDELGHFYDYPMALFSTFELFLTIIDGPANYDVDLPFMYSITYAA
FAIIATLLMLNLLIAMMGDTHWRVAHERDELWRAQVVATTVMLERKLPRCLWPRSGICGREYGLGDRWFLRVEDRQDLNR
QRIRRYAQAFQQQDDLYSEDLEKDSGEKLVPR
;
_entity_poly.pdbx_strand_id   A
#
# COMPACT_ATOMS: atom_id res chain seq x y z
N GLU A 27 13.48 -5.23 24.32
CA GLU A 27 13.32 -6.68 24.18
C GLU A 27 12.58 -7.24 25.40
N SER A 28 11.25 -7.19 25.38
CA SER A 28 10.49 -6.57 24.30
C SER A 28 9.43 -5.64 24.87
N TRP A 29 8.77 -4.87 23.99
CA TRP A 29 7.71 -3.98 24.47
C TRP A 29 6.47 -4.78 24.88
N ALA A 30 6.19 -5.87 24.16
CA ALA A 30 5.08 -6.74 24.54
C ALA A 30 5.35 -7.43 25.87
N GLN A 31 6.62 -7.76 26.16
CA GLN A 31 6.95 -8.34 27.45
C GLN A 31 6.71 -7.35 28.58
N SER A 32 7.02 -6.07 28.36
CA SER A 32 6.86 -5.06 29.40
C SER A 32 5.41 -4.97 29.86
N ARG A 33 4.48 -4.76 28.92
CA ARG A 33 3.07 -4.70 29.29
C ARG A 33 2.59 -6.04 29.84
N ASP A 34 3.12 -7.15 29.33
CA ASP A 34 2.80 -8.45 29.92
C ASP A 34 3.31 -8.53 31.35
N GLU A 35 4.51 -8.02 31.62
CA GLU A 35 5.03 -8.01 32.97
C GLU A 35 4.27 -7.01 33.85
N GLN A 36 4.06 -5.80 33.33
CA GLN A 36 3.39 -4.77 34.12
C GLN A 36 1.91 -5.06 34.34
N ASN A 37 1.29 -5.89 33.50
CA ASN A 37 -0.02 -6.41 33.83
C ASN A 37 0.07 -7.40 34.99
N LEU A 38 1.11 -8.24 34.99
CA LEU A 38 1.33 -9.13 36.12
C LEU A 38 1.84 -8.36 37.34
N LEU A 39 2.69 -7.36 37.11
CA LEU A 39 3.20 -6.55 38.22
C LEU A 39 2.08 -5.75 38.86
N GLN A 40 1.04 -5.42 38.09
CA GLN A 40 -0.11 -4.73 38.66
C GLN A 40 -0.88 -5.63 39.61
N GLN A 41 -1.21 -6.84 39.16
CA GLN A 41 -1.92 -7.79 40.02
C GLN A 41 -1.14 -8.08 41.29
N LYS A 42 0.19 -7.96 41.25
CA LYS A 42 0.98 -8.09 42.46
C LYS A 42 0.62 -7.01 43.47
N ARG A 43 0.62 -5.74 43.04
CA ARG A 43 0.29 -4.65 43.95
C ARG A 43 -1.17 -4.71 44.36
N ILE A 44 -2.05 -5.22 43.49
CA ILE A 44 -3.44 -5.42 43.89
C ILE A 44 -3.52 -6.43 45.03
N TRP A 45 -2.89 -7.59 44.85
CA TRP A 45 -2.91 -8.60 45.89
C TRP A 45 -2.17 -8.14 47.14
N GLU A 46 -1.10 -7.35 46.97
CA GLU A 46 -0.33 -6.90 48.13
C GLU A 46 -1.03 -5.78 48.88
N SER A 47 -1.48 -4.76 48.17
CA SER A 47 -2.21 -3.67 48.80
C SER A 47 -3.60 -4.12 49.19
N PRO A 48 -3.96 -4.14 50.47
CA PRO A 48 -5.32 -4.55 50.85
C PRO A 48 -6.38 -3.58 50.36
N LEU A 49 -6.03 -2.31 50.18
CA LEU A 49 -6.97 -1.35 49.61
C LEU A 49 -7.32 -1.73 48.18
N LEU A 50 -6.31 -1.88 47.32
CA LEU A 50 -6.55 -2.20 45.92
C LEU A 50 -7.19 -3.57 45.76
N LEU A 51 -6.91 -4.51 46.69
CA LEU A 51 -7.52 -5.83 46.61
C LEU A 51 -9.03 -5.75 46.83
N ALA A 52 -9.45 -5.02 47.86
CA ALA A 52 -10.88 -4.88 48.14
C ALA A 52 -11.58 -4.06 47.05
N ALA A 53 -10.87 -3.12 46.43
CA ALA A 53 -11.47 -2.37 45.33
C ALA A 53 -11.65 -3.23 44.09
N LYS A 54 -10.76 -4.22 43.90
CA LYS A 54 -10.91 -5.15 42.78
C LYS A 54 -12.03 -6.14 43.03
N GLU A 55 -12.15 -6.65 44.25
CA GLU A 55 -13.12 -7.68 44.59
C GLU A 55 -14.45 -7.11 45.09
N ASN A 56 -14.59 -5.79 45.11
CA ASN A 56 -15.83 -5.13 45.53
C ASN A 56 -16.23 -5.58 46.93
N ASN A 57 -15.31 -5.38 47.87
CA ASN A 57 -15.53 -5.73 49.27
C ASN A 57 -15.92 -4.45 50.00
N VAL A 58 -17.21 -4.13 49.99
CA VAL A 58 -17.68 -2.91 50.62
C VAL A 58 -17.34 -2.90 52.10
N GLN A 59 -17.53 -4.03 52.78
CA GLN A 59 -17.24 -4.11 54.20
C GLN A 59 -15.76 -3.96 54.51
N ALA A 60 -14.88 -4.21 53.52
CA ALA A 60 -13.45 -4.09 53.74
C ALA A 60 -12.91 -2.70 53.42
N LEU A 61 -13.61 -1.92 52.59
CA LEU A 61 -13.13 -0.57 52.29
C LEU A 61 -13.35 0.36 53.47
N TYR A 62 -14.51 0.25 54.13
CA TYR A 62 -14.77 1.08 55.31
C TYR A 62 -13.92 0.65 56.49
N LYS A 63 -13.56 -0.65 56.56
CA LYS A 63 -12.64 -1.11 57.59
C LYS A 63 -11.21 -0.66 57.33
N LEU A 64 -10.94 -0.01 56.20
CA LEU A 64 -9.61 0.46 55.87
C LEU A 64 -9.50 1.97 55.76
N LEU A 65 -10.62 2.67 55.52
CA LEU A 65 -10.60 4.11 55.27
C LEU A 65 -11.11 4.93 56.44
N LYS A 66 -12.02 4.40 57.24
CA LYS A 66 -12.64 5.14 58.33
C LYS A 66 -12.03 4.83 59.69
N PHE A 67 -11.74 3.56 59.96
CA PHE A 67 -11.08 3.18 61.21
C PHE A 67 -10.30 1.89 60.94
N GLU A 68 -8.98 2.02 60.82
CA GLU A 68 -8.29 3.31 60.91
C GLU A 68 -8.17 3.97 59.54
N GLY A 69 -7.54 5.14 59.49
CA GLY A 69 -7.29 5.80 58.23
C GLY A 69 -6.00 5.33 57.57
N CYS A 70 -6.11 4.59 56.47
CA CYS A 70 -4.95 4.12 55.74
C CYS A 70 -4.65 5.07 54.58
N GLU A 71 -3.83 4.59 53.64
CA GLU A 71 -3.41 5.37 52.48
C GLU A 71 -4.54 5.33 51.45
N VAL A 72 -5.41 6.33 51.50
CA VAL A 72 -6.54 6.36 50.58
C VAL A 72 -6.09 6.72 49.17
N HIS A 73 -5.08 7.56 49.04
CA HIS A 73 -4.52 7.92 47.74
C HIS A 73 -3.45 6.95 47.29
N GLN A 74 -3.63 5.67 47.61
CA GLN A 74 -2.61 4.67 47.35
C GLN A 74 -2.43 4.45 45.85
N LYS A 75 -1.19 4.56 45.39
CA LYS A 75 -0.86 4.31 44.00
C LYS A 75 -0.40 2.87 43.82
N GLY A 76 -0.86 2.23 42.75
CA GLY A 76 -0.49 0.88 42.43
C GLY A 76 0.71 0.81 41.52
N ALA A 77 0.84 -0.32 40.82
CA ALA A 77 1.98 -0.51 39.93
C ALA A 77 1.88 0.39 38.71
N MET A 78 0.69 0.52 38.14
CA MET A 78 0.47 1.33 36.95
C MET A 78 0.07 2.76 37.27
N GLY A 79 0.51 3.29 38.42
CA GLY A 79 0.10 4.61 38.83
C GLY A 79 -1.39 4.75 39.03
N GLU A 80 -2.11 3.64 39.17
CA GLU A 80 -3.54 3.67 39.34
C GLU A 80 -3.92 4.05 40.77
N THR A 81 -5.19 4.36 40.96
CA THR A 81 -5.78 4.59 42.27
C THR A 81 -6.71 3.43 42.61
N ALA A 82 -7.24 3.47 43.83
CA ALA A 82 -8.27 2.50 44.20
C ALA A 82 -9.52 2.67 43.35
N LEU A 83 -9.79 3.90 42.91
CA LEU A 83 -10.93 4.14 42.03
C LEU A 83 -10.65 3.64 40.62
N HIS A 84 -9.41 3.75 40.16
CA HIS A 84 -9.05 3.22 38.85
C HIS A 84 -9.21 1.71 38.81
N ILE A 85 -8.86 1.04 39.91
CA ILE A 85 -9.05 -0.41 39.99
C ILE A 85 -10.53 -0.74 40.12
N ALA A 86 -11.26 0.04 40.93
CA ALA A 86 -12.69 -0.17 41.09
C ALA A 86 -13.48 0.15 39.83
N ALA A 87 -12.89 0.83 38.85
CA ALA A 87 -13.56 1.09 37.59
C ALA A 87 -13.25 0.06 36.52
N LEU A 88 -12.12 -0.64 36.65
CA LEU A 88 -11.78 -1.66 35.66
C LEU A 88 -12.75 -2.82 35.71
N TYR A 89 -13.03 -3.31 36.91
CA TYR A 89 -14.06 -4.31 37.14
C TYR A 89 -15.29 -3.57 37.65
N ASP A 90 -16.38 -3.65 36.90
CA ASP A 90 -17.55 -2.83 37.16
C ASP A 90 -18.04 -2.99 38.60
N ASN A 91 -17.38 -2.29 39.52
CA ASN A 91 -17.69 -2.32 40.95
C ASN A 91 -18.22 -0.93 41.34
N ASN A 92 -19.50 -0.70 41.05
CA ASN A 92 -20.09 0.59 41.41
C ASN A 92 -20.19 0.74 42.92
N GLU A 93 -20.57 -0.32 43.63
CA GLU A 93 -20.66 -0.24 45.08
C GLU A 93 -19.30 0.08 45.70
N ALA A 94 -18.23 -0.54 45.19
CA ALA A 94 -16.90 -0.24 45.70
C ALA A 94 -16.34 1.07 45.18
N ALA A 95 -16.93 1.63 44.12
CA ALA A 95 -16.48 2.92 43.62
C ALA A 95 -17.13 4.07 44.38
N GLN A 96 -18.40 3.92 44.74
CA GLN A 96 -19.07 4.96 45.51
C GLN A 96 -18.45 5.10 46.90
N VAL A 97 -17.90 4.01 47.44
CA VAL A 97 -17.22 4.08 48.73
C VAL A 97 -16.00 4.98 48.64
N LEU A 98 -15.25 4.87 47.54
CA LEU A 98 -14.02 5.64 47.40
C LEU A 98 -14.28 7.10 47.09
N MET A 99 -15.44 7.42 46.50
CA MET A 99 -15.78 8.81 46.20
C MET A 99 -16.58 9.48 47.30
N GLU A 100 -17.22 8.71 48.18
CA GLU A 100 -17.89 9.31 49.33
C GLU A 100 -16.92 9.53 50.49
N ALA A 101 -15.80 8.81 50.52
CA ALA A 101 -14.83 9.00 51.58
C ALA A 101 -13.71 9.94 51.16
N ALA A 102 -13.42 10.03 49.87
CA ALA A 102 -12.38 10.94 49.36
C ALA A 102 -12.75 11.32 47.94
N PRO A 103 -13.49 12.42 47.75
CA PRO A 103 -13.95 12.76 46.40
C PRO A 103 -12.87 13.35 45.49
N GLU A 104 -11.61 13.39 45.91
CA GLU A 104 -10.56 13.92 45.05
C GLU A 104 -9.94 12.85 44.14
N LEU A 105 -10.23 11.57 44.38
CA LEU A 105 -9.73 10.51 43.53
C LEU A 105 -10.34 10.53 42.13
N VAL A 106 -11.42 11.28 41.92
CA VAL A 106 -12.04 11.33 40.60
C VAL A 106 -11.16 12.07 39.62
N PHE A 107 -10.58 13.20 40.05
CA PHE A 107 -9.70 13.98 39.20
C PHE A 107 -8.36 13.30 38.93
N GLU A 108 -8.02 12.27 39.68
CA GLU A 108 -6.70 11.66 39.57
C GLU A 108 -6.56 10.90 38.25
N PRO A 109 -5.52 11.17 37.46
CA PRO A 109 -5.26 10.35 36.27
C PRO A 109 -4.21 9.28 36.51
N MET A 110 -4.13 8.28 35.63
CA MET A 110 -3.06 7.29 35.72
C MET A 110 -1.71 7.95 35.46
N THR A 111 -0.70 7.56 36.23
CA THR A 111 0.60 8.20 36.10
C THR A 111 1.63 7.35 35.35
N SER A 112 1.38 6.06 35.19
CA SER A 112 2.31 5.22 34.45
C SER A 112 2.41 5.66 33.00
N GLU A 113 3.50 5.27 32.35
CA GLU A 113 3.68 5.61 30.94
C GLU A 113 2.69 4.88 30.06
N LEU A 114 2.31 3.65 30.42
CA LEU A 114 1.38 2.88 29.61
C LEU A 114 0.00 3.55 29.56
N TYR A 115 -0.37 4.25 30.64
CA TYR A 115 -1.71 4.80 30.80
C TYR A 115 -1.67 6.30 31.09
N GLU A 116 -0.66 7.00 30.59
CA GLU A 116 -0.50 8.41 30.91
C GLU A 116 -1.69 9.22 30.43
N GLY A 117 -2.51 9.70 31.37
CA GLY A 117 -3.62 10.57 31.07
C GLY A 117 -4.98 9.98 31.31
N GLN A 118 -5.07 8.67 31.54
CA GLN A 118 -6.36 8.02 31.71
C GLN A 118 -6.94 8.30 33.09
N THR A 119 -8.23 8.61 33.13
CA THR A 119 -8.96 8.89 34.36
C THR A 119 -9.96 7.77 34.62
N ALA A 120 -10.65 7.86 35.76
CA ALA A 120 -11.67 6.88 36.10
C ALA A 120 -12.90 7.00 35.23
N LEU A 121 -13.08 8.14 34.55
CA LEU A 121 -14.21 8.30 33.63
C LEU A 121 -13.97 7.52 32.34
N HIS A 122 -12.73 7.47 31.86
CA HIS A 122 -12.43 6.71 30.66
C HIS A 122 -12.79 5.23 30.85
N ILE A 123 -12.43 4.65 32.00
CA ILE A 123 -12.67 3.24 32.21
C ILE A 123 -14.15 2.95 32.35
N ALA A 124 -14.90 3.88 32.95
CA ALA A 124 -16.35 3.69 33.07
C ALA A 124 -17.04 3.83 31.72
N VAL A 125 -16.54 4.71 30.86
CA VAL A 125 -17.13 4.87 29.53
C VAL A 125 -16.87 3.64 28.67
N ILE A 126 -15.64 3.10 28.74
CA ILE A 126 -15.31 1.91 27.97
C ILE A 126 -16.19 0.74 28.37
N ASN A 127 -16.40 0.57 29.67
CA ASN A 127 -17.28 -0.49 30.15
C ASN A 127 -18.75 -0.15 30.03
N GLN A 128 -19.08 1.02 29.47
CA GLN A 128 -20.47 1.44 29.26
C GLN A 128 -21.26 1.40 30.58
N ASN A 129 -20.61 1.81 31.66
CA ASN A 129 -21.25 1.88 32.97
C ASN A 129 -22.06 3.17 33.05
N VAL A 130 -23.33 3.08 32.63
CA VAL A 130 -24.16 4.28 32.56
C VAL A 130 -24.43 4.83 33.96
N ASN A 131 -24.79 3.95 34.90
CA ASN A 131 -25.07 4.40 36.26
C ASN A 131 -23.82 4.89 37.00
N LEU A 132 -22.63 4.64 36.45
CA LEU A 132 -21.40 5.19 37.00
C LEU A 132 -20.96 6.47 36.31
N VAL A 133 -21.11 6.56 34.98
CA VAL A 133 -20.79 7.80 34.29
C VAL A 133 -21.75 8.91 34.71
N ARG A 134 -23.05 8.60 34.78
CA ARG A 134 -24.03 9.59 35.24
C ARG A 134 -23.82 9.95 36.70
N ALA A 135 -23.12 9.11 37.47
CA ALA A 135 -22.73 9.44 38.82
C ALA A 135 -21.33 10.05 38.91
N LEU A 136 -20.48 9.81 37.91
CA LEU A 136 -19.18 10.46 37.88
C LEU A 136 -19.29 11.93 37.46
N LEU A 137 -20.24 12.25 36.59
CA LEU A 137 -20.42 13.64 36.17
C LEU A 137 -21.17 14.46 37.22
N ALA A 138 -21.85 13.80 38.15
CA ALA A 138 -22.40 14.51 39.29
C ALA A 138 -21.32 14.93 40.27
N ARG A 139 -20.23 14.16 40.35
CA ARG A 139 -19.07 14.53 41.15
C ARG A 139 -18.20 15.60 40.47
N GLY A 140 -18.42 15.86 39.18
CA GLY A 140 -17.68 16.89 38.48
C GLY A 140 -16.42 16.41 37.82
N ALA A 141 -16.54 15.45 36.90
CA ALA A 141 -15.39 14.89 36.22
C ALA A 141 -15.11 15.67 34.93
N SER A 142 -13.87 15.59 34.47
CA SER A 142 -13.43 16.32 33.29
C SER A 142 -13.84 15.58 32.02
N VAL A 143 -14.46 16.29 31.09
CA VAL A 143 -14.88 15.73 29.82
C VAL A 143 -13.89 16.05 28.71
N SER A 144 -12.67 16.46 29.06
CA SER A 144 -11.64 16.79 28.09
C SER A 144 -10.27 16.34 28.59
N ALA A 145 -10.23 15.15 29.16
CA ALA A 145 -8.98 14.59 29.69
C ALA A 145 -8.37 13.68 28.64
N ARG A 146 -7.30 14.13 28.01
CA ARG A 146 -6.59 13.30 27.04
C ARG A 146 -5.98 12.09 27.74
N ALA A 147 -5.96 10.96 27.02
CA ALA A 147 -5.33 9.72 27.46
C ALA A 147 -4.17 9.43 26.51
N THR A 148 -3.03 10.08 26.76
CA THR A 148 -1.88 10.00 25.89
C THR A 148 -0.96 8.83 26.22
N GLY A 149 -1.45 7.81 26.93
CA GLY A 149 -0.63 6.67 27.26
C GLY A 149 -0.18 5.92 26.02
N SER A 150 0.90 5.15 26.20
CA SER A 150 1.47 4.43 25.07
C SER A 150 0.51 3.36 24.55
N VAL A 151 -0.39 2.88 25.41
CA VAL A 151 -1.35 1.85 25.01
C VAL A 151 -2.60 2.43 24.36
N PHE A 152 -2.78 3.75 24.42
CA PHE A 152 -3.89 4.42 23.75
C PHE A 152 -3.51 4.94 22.38
N HIS A 153 -2.30 4.64 21.88
CA HIS A 153 -1.84 5.18 20.62
C HIS A 153 -2.36 4.33 19.45
N TYR A 154 -2.38 4.95 18.28
CA TYR A 154 -2.83 4.28 17.04
C TYR A 154 -1.66 3.46 16.50
N ARG A 155 -1.56 2.22 16.97
CA ARG A 155 -0.48 1.32 16.60
C ARG A 155 -1.05 -0.06 16.34
N PRO A 156 -0.38 -0.86 15.50
CA PRO A 156 -0.87 -2.23 15.27
C PRO A 156 -0.84 -3.09 16.50
N HIS A 157 0.11 -2.87 17.41
CA HIS A 157 0.18 -3.69 18.62
C HIS A 157 -0.98 -3.41 19.58
N ASN A 158 -1.65 -2.27 19.43
CA ASN A 158 -2.87 -1.98 20.18
C ASN A 158 -4.06 -2.53 19.41
N LEU A 159 -4.79 -3.47 20.02
CA LEU A 159 -5.90 -4.11 19.34
C LEU A 159 -7.03 -3.14 19.02
N ILE A 160 -7.04 -1.96 19.64
CA ILE A 160 -8.06 -0.95 19.38
C ILE A 160 -7.38 0.40 19.25
N TYR A 161 -8.17 1.39 18.82
CA TYR A 161 -7.75 2.77 18.88
C TYR A 161 -9.02 3.60 18.99
N TYR A 162 -9.33 4.05 20.21
CA TYR A 162 -10.52 4.85 20.47
C TYR A 162 -10.23 6.33 20.62
N GLY A 163 -8.97 6.76 20.47
CA GLY A 163 -8.65 8.17 20.58
C GLY A 163 -8.12 8.55 21.95
N GLU A 164 -8.22 9.83 22.33
CA GLU A 164 -7.76 10.28 23.62
C GLU A 164 -8.83 10.91 24.49
N HIS A 165 -9.84 11.49 23.91
CA HIS A 165 -10.90 12.16 24.67
C HIS A 165 -11.99 11.16 25.04
N PRO A 166 -12.61 11.33 26.22
CA PRO A 166 -13.66 10.39 26.63
C PRO A 166 -14.90 10.44 25.76
N LEU A 167 -15.14 11.54 25.05
CA LEU A 167 -16.24 11.56 24.08
C LEU A 167 -15.99 10.58 22.95
N SER A 168 -14.74 10.48 22.50
CA SER A 168 -14.40 9.52 21.46
C SER A 168 -14.54 8.08 21.95
N PHE A 169 -14.22 7.84 23.23
CA PHE A 169 -14.42 6.50 23.78
C PHE A 169 -15.89 6.11 23.75
N ALA A 170 -16.76 7.04 24.18
CA ALA A 170 -18.19 6.76 24.14
C ALA A 170 -18.66 6.51 22.72
N ALA A 171 -18.09 7.21 21.74
CA ALA A 171 -18.52 7.03 20.35
C ALA A 171 -18.06 5.69 19.78
N CYS A 172 -16.93 5.18 20.26
CA CYS A 172 -16.38 3.95 19.69
C CYS A 172 -17.08 2.71 20.24
N VAL A 173 -17.41 2.71 21.53
CA VAL A 173 -18.09 1.56 22.13
C VAL A 173 -19.54 1.45 21.67
N GLY A 174 -20.09 2.49 21.07
CA GLY A 174 -21.45 2.45 20.55
C GLY A 174 -22.52 2.78 21.55
N SER A 175 -22.15 3.17 22.77
CA SER A 175 -23.13 3.52 23.80
C SER A 175 -23.65 4.92 23.52
N GLU A 176 -24.81 4.99 22.84
CA GLU A 176 -25.38 6.29 22.54
C GLU A 176 -25.84 7.00 23.81
N GLU A 177 -26.19 6.25 24.86
CA GLU A 177 -26.64 6.88 26.10
C GLU A 177 -25.50 7.63 26.77
N ILE A 178 -24.25 7.23 26.53
CA ILE A 178 -23.11 7.92 27.13
C ILE A 178 -22.60 9.06 26.26
N VAL A 179 -22.72 8.94 24.94
CA VAL A 179 -22.23 10.00 24.05
C VAL A 179 -22.97 11.30 24.32
N ARG A 180 -24.31 11.23 24.38
CA ARG A 180 -25.10 12.42 24.64
C ARG A 180 -24.97 12.85 26.10
N LEU A 181 -24.71 11.91 27.01
CA LEU A 181 -24.52 12.26 28.42
C LEU A 181 -23.22 13.00 28.65
N LEU A 182 -22.24 12.86 27.75
CA LEU A 182 -21.01 13.63 27.86
C LEU A 182 -21.17 15.04 27.30
N ILE A 183 -21.87 15.16 26.17
CA ILE A 183 -22.15 16.49 25.60
C ILE A 183 -22.99 17.30 26.57
N GLU A 184 -23.82 16.64 27.38
CA GLU A 184 -24.62 17.36 28.38
C GLU A 184 -23.74 18.15 29.34
N HIS A 185 -22.51 17.68 29.59
CA HIS A 185 -21.61 18.32 30.53
C HIS A 185 -20.42 18.98 29.83
N GLY A 186 -20.68 19.59 28.68
CA GLY A 186 -19.68 20.39 28.00
C GLY A 186 -18.61 19.62 27.27
N ALA A 187 -18.95 18.48 26.68
CA ALA A 187 -17.98 17.75 25.86
C ALA A 187 -17.88 18.40 24.49
N ASP A 188 -16.65 18.65 24.05
CA ASP A 188 -16.41 19.33 22.78
C ASP A 188 -16.22 18.30 21.67
N ILE A 189 -17.08 18.35 20.66
CA ILE A 189 -16.92 17.46 19.52
C ILE A 189 -15.81 17.93 18.59
N ARG A 190 -15.48 19.22 18.61
CA ARG A 190 -14.40 19.75 17.78
C ARG A 190 -13.02 19.31 18.28
N ALA A 191 -12.92 18.78 19.48
CA ALA A 191 -11.63 18.49 20.08
C ALA A 191 -10.91 17.41 19.30
N GLN A 192 -9.66 17.68 18.95
CA GLN A 192 -8.79 16.74 18.26
C GLN A 192 -7.84 16.09 19.26
N ASP A 193 -7.20 15.02 18.82
CA ASP A 193 -6.26 14.28 19.65
C ASP A 193 -4.82 14.66 19.27
N SER A 194 -3.87 13.78 19.58
CA SER A 194 -2.49 14.03 19.20
C SER A 194 -2.28 13.90 17.69
N LEU A 195 -3.08 13.08 17.03
CA LEU A 195 -3.00 12.90 15.59
C LEU A 195 -3.99 13.78 14.83
N GLY A 196 -4.42 14.89 15.43
CA GLY A 196 -5.33 15.80 14.74
C GLY A 196 -6.65 15.21 14.33
N ASN A 197 -7.06 14.11 14.95
CA ASN A 197 -8.29 13.42 14.58
C ASN A 197 -9.46 13.90 15.43
N THR A 198 -10.55 14.25 14.77
CA THR A 198 -11.80 14.54 15.47
C THR A 198 -12.48 13.23 15.86
N VAL A 199 -13.56 13.35 16.62
CA VAL A 199 -14.36 12.16 16.95
C VAL A 199 -14.97 11.56 15.70
N LEU A 200 -15.11 12.34 14.62
CA LEU A 200 -15.61 11.79 13.37
C LEU A 200 -14.56 10.97 12.65
N HIS A 201 -13.29 11.39 12.72
CA HIS A 201 -12.21 10.63 12.08
C HIS A 201 -12.01 9.29 12.76
N ILE A 202 -12.16 9.24 14.08
CA ILE A 202 -11.92 8.00 14.82
C ILE A 202 -13.00 6.97 14.52
N LEU A 203 -14.24 7.42 14.31
CA LEU A 203 -15.33 6.50 13.98
C LEU A 203 -15.14 5.81 12.64
N ILE A 204 -14.32 6.38 11.75
CA ILE A 204 -14.09 5.77 10.44
C ILE A 204 -13.17 4.56 10.57
N LEU A 205 -12.24 4.60 11.52
CA LEU A 205 -11.27 3.52 11.72
C LEU A 205 -11.80 2.46 12.67
N GLN A 206 -13.08 2.10 12.58
CA GLN A 206 -13.67 1.15 13.50
C GLN A 206 -14.19 -0.07 12.76
N PRO A 207 -14.25 -1.23 13.43
CA PRO A 207 -14.74 -2.44 12.75
C PRO A 207 -16.23 -2.41 12.46
N ASN A 208 -17.05 -2.12 13.49
CA ASN A 208 -18.50 -2.10 13.34
C ASN A 208 -18.88 -0.91 12.48
N LYS A 209 -18.84 -1.11 11.16
CA LYS A 209 -19.12 -0.03 10.23
C LYS A 209 -20.61 0.31 10.21
N THR A 210 -21.47 -0.71 10.22
CA THR A 210 -22.90 -0.46 10.06
C THR A 210 -23.51 0.23 11.27
N PHE A 211 -22.93 0.04 12.46
CA PHE A 211 -23.43 0.73 13.65
C PHE A 211 -22.82 2.10 13.85
N ALA A 212 -21.61 2.33 13.33
CA ALA A 212 -20.97 3.64 13.47
C ALA A 212 -21.68 4.72 12.67
N CYS A 213 -22.41 4.35 11.61
CA CYS A 213 -23.15 5.35 10.85
C CYS A 213 -24.21 6.02 11.71
N GLN A 214 -24.95 5.23 12.48
CA GLN A 214 -25.92 5.81 13.41
C GLN A 214 -25.24 6.65 14.49
N MET A 215 -24.05 6.24 14.93
CA MET A 215 -23.25 7.02 15.86
C MET A 215 -22.61 8.23 15.20
N TYR A 216 -22.36 8.16 13.89
CA TYR A 216 -21.83 9.32 13.18
C TYR A 216 -22.87 10.42 13.07
N ASN A 217 -24.13 10.05 12.86
CA ASN A 217 -25.19 11.04 12.79
C ASN A 217 -25.50 11.64 14.16
N LEU A 218 -25.37 10.83 15.22
CA LEU A 218 -25.62 11.34 16.57
C LEU A 218 -24.63 12.43 16.95
N LEU A 219 -23.39 12.37 16.46
CA LEU A 219 -22.38 13.36 16.77
C LEU A 219 -22.44 14.59 15.86
N LEU A 220 -23.05 14.47 14.69
CA LEU A 220 -23.19 15.63 13.81
C LEU A 220 -24.23 16.60 14.30
N SER A 221 -25.23 16.11 15.05
CA SER A 221 -26.33 16.96 15.48
C SER A 221 -25.89 18.05 16.46
N TYR A 222 -24.78 17.86 17.15
CA TYR A 222 -24.28 18.85 18.10
C TYR A 222 -23.34 19.86 17.45
N ASP A 223 -23.28 19.90 16.12
CA ASP A 223 -22.43 20.85 15.43
C ASP A 223 -23.06 22.25 15.48
N GLY A 224 -22.24 23.25 15.13
CA GLY A 224 -22.70 24.63 15.20
C GLY A 224 -23.90 24.92 14.32
N GLY A 225 -24.07 24.16 13.24
CA GLY A 225 -25.21 24.32 12.37
C GLY A 225 -25.01 25.28 11.22
N ASP A 226 -23.95 26.08 11.23
CA ASP A 226 -23.69 27.02 10.14
C ASP A 226 -22.97 26.32 9.00
N HIS A 227 -23.12 26.89 7.80
CA HIS A 227 -22.53 26.29 6.61
C HIS A 227 -21.01 26.35 6.62
N LEU A 228 -20.42 27.26 7.40
CA LEU A 228 -18.98 27.39 7.52
C LEU A 228 -18.52 26.88 8.88
N LYS A 229 -17.27 26.42 8.93
CA LYS A 229 -16.68 25.80 10.12
C LYS A 229 -17.54 24.64 10.62
N SER A 230 -17.59 23.60 9.80
CA SER A 230 -18.32 22.39 10.11
C SER A 230 -17.36 21.28 10.52
N LEU A 231 -17.85 20.36 11.35
CA LEU A 231 -17.00 19.27 11.81
C LEU A 231 -16.68 18.30 10.69
N GLU A 232 -17.59 18.15 9.72
CA GLU A 232 -17.31 17.33 8.55
C GLU A 232 -16.21 17.93 7.68
N LEU A 233 -15.89 19.21 7.87
CA LEU A 233 -14.84 19.86 7.12
C LEU A 233 -13.54 20.00 7.91
N VAL A 234 -13.59 19.81 9.23
CA VAL A 234 -12.39 19.91 10.07
C VAL A 234 -11.39 18.85 9.63
N PRO A 235 -10.23 19.25 9.11
CA PRO A 235 -9.33 18.28 8.51
C PRO A 235 -8.45 17.58 9.52
N ASN A 236 -8.05 16.36 9.16
CA ASN A 236 -7.04 15.64 9.92
C ASN A 236 -5.72 16.40 9.88
N ASN A 237 -4.86 16.11 10.86
CA ASN A 237 -3.56 16.77 10.89
C ASN A 237 -2.71 16.38 9.69
N GLN A 238 -3.04 15.28 9.03
CA GLN A 238 -2.45 14.90 7.76
C GLN A 238 -3.25 15.42 6.56
N GLY A 239 -4.00 16.51 6.75
CA GLY A 239 -4.82 17.07 5.70
C GLY A 239 -5.82 16.07 5.13
N LEU A 240 -6.85 15.73 5.92
CA LEU A 240 -7.78 14.68 5.50
C LEU A 240 -9.10 14.89 6.22
N THR A 241 -10.11 15.38 5.48
CA THR A 241 -11.44 15.50 6.04
C THR A 241 -12.02 14.10 6.30
N PRO A 242 -13.01 13.99 7.19
CA PRO A 242 -13.59 12.67 7.46
C PRO A 242 -14.17 12.00 6.23
N PHE A 243 -14.75 12.77 5.30
CA PHE A 243 -15.22 12.17 4.05
C PHE A 243 -14.06 11.63 3.23
N LYS A 244 -12.93 12.34 3.24
CA LYS A 244 -11.77 11.91 2.47
C LYS A 244 -11.02 10.78 3.17
N LEU A 245 -11.06 10.74 4.51
CA LEU A 245 -10.41 9.66 5.23
C LEU A 245 -11.11 8.33 4.99
N ALA A 246 -12.43 8.36 4.82
CA ALA A 246 -13.17 7.13 4.58
C ALA A 246 -12.77 6.48 3.27
N GLY A 247 -12.46 7.28 2.24
CA GLY A 247 -12.04 6.72 0.98
C GLY A 247 -10.70 6.02 1.06
N VAL A 248 -9.71 6.67 1.66
CA VAL A 248 -8.38 6.09 1.77
C VAL A 248 -8.43 4.84 2.65
N GLU A 249 -9.27 4.84 3.69
CA GLU A 249 -9.34 3.70 4.58
C GLU A 249 -10.11 2.53 3.95
N GLY A 250 -10.82 2.78 2.86
CA GLY A 250 -11.62 1.74 2.24
C GLY A 250 -12.94 1.46 2.93
N ASN A 251 -13.39 2.33 3.82
CA ASN A 251 -14.65 2.16 4.54
C ASN A 251 -15.79 2.50 3.58
N ILE A 252 -16.35 1.47 2.93
CA ILE A 252 -17.39 1.68 1.94
C ILE A 252 -18.70 2.11 2.61
N VAL A 253 -19.03 1.50 3.76
CA VAL A 253 -20.29 1.82 4.42
C VAL A 253 -20.31 3.28 4.85
N MET A 254 -19.18 3.82 5.29
CA MET A 254 -19.10 5.23 5.65
C MET A 254 -18.96 6.11 4.42
N PHE A 255 -18.27 5.62 3.39
CA PHE A 255 -18.14 6.39 2.16
C PHE A 255 -19.49 6.60 1.50
N GLN A 256 -20.33 5.55 1.47
CA GLN A 256 -21.67 5.71 0.93
C GLN A 256 -22.52 6.61 1.82
N HIS A 257 -22.33 6.51 3.14
CA HIS A 257 -23.12 7.33 4.05
C HIS A 257 -22.72 8.80 3.99
N LEU A 258 -21.42 9.08 3.88
CA LEU A 258 -20.96 10.46 3.74
C LEU A 258 -21.30 11.05 2.38
N MET A 259 -21.75 10.24 1.43
CA MET A 259 -22.13 10.76 0.12
C MET A 259 -23.54 11.33 0.12
N GLN A 260 -24.39 10.90 1.06
CA GLN A 260 -25.75 11.42 1.15
C GLN A 260 -25.76 12.92 1.42
N LYS A 261 -24.74 13.43 2.12
CA LYS A 261 -24.62 14.85 2.41
C LYS A 261 -24.15 15.67 1.22
N ARG A 262 -23.84 15.05 0.09
CA ARG A 262 -23.26 15.77 -1.04
C ARG A 262 -23.65 15.12 -2.37
N LYS A 263 -24.96 15.00 -2.60
CA LYS A 263 -25.48 14.61 -3.89
C LYS A 263 -26.93 15.05 -3.97
N HIS A 264 -27.31 15.63 -5.11
CA HIS A 264 -28.62 16.21 -5.30
C HIS A 264 -29.39 15.43 -6.35
N ILE A 265 -30.60 15.00 -6.01
CA ILE A 265 -31.43 14.28 -6.96
C ILE A 265 -32.18 15.29 -7.80
N GLN A 266 -32.03 15.19 -9.12
CA GLN A 266 -32.64 16.18 -10.02
C GLN A 266 -34.11 15.89 -10.23
N TRP A 267 -34.43 14.71 -10.72
CA TRP A 267 -35.83 14.35 -10.92
C TRP A 267 -35.98 12.84 -10.82
N THR A 268 -37.22 12.41 -10.64
CA THR A 268 -37.60 11.00 -10.53
C THR A 268 -38.66 10.73 -11.59
N TYR A 269 -38.27 10.09 -12.68
CA TYR A 269 -39.15 9.83 -13.81
C TYR A 269 -39.44 8.33 -13.86
N GLY A 270 -40.32 7.89 -12.95
CA GLY A 270 -40.63 6.49 -12.83
C GLY A 270 -39.43 5.70 -12.31
N PRO A 271 -38.94 4.75 -13.12
CA PRO A 271 -37.77 3.98 -12.68
C PRO A 271 -36.48 4.78 -12.72
N LEU A 272 -36.38 5.76 -13.63
CA LEU A 272 -35.18 6.57 -13.77
C LEU A 272 -35.09 7.61 -12.67
N THR A 273 -33.85 7.98 -12.33
CA THR A 273 -33.61 8.96 -11.27
C THR A 273 -32.22 9.57 -11.52
N SER A 274 -32.18 10.71 -12.19
CA SER A 274 -30.92 11.36 -12.51
C SER A 274 -30.44 12.15 -11.30
N THR A 275 -29.42 11.64 -10.62
CA THR A 275 -28.85 12.29 -9.46
C THR A 275 -27.58 13.05 -9.83
N LEU A 276 -27.36 14.18 -9.16
CA LEU A 276 -26.23 15.06 -9.42
C LEU A 276 -25.27 14.98 -8.23
N TYR A 277 -24.04 14.58 -8.50
CA TYR A 277 -23.06 14.36 -7.44
C TYR A 277 -22.17 15.59 -7.28
N ASP A 278 -21.70 15.79 -6.04
CA ASP A 278 -21.04 17.04 -5.69
C ASP A 278 -19.69 17.18 -6.38
N LEU A 279 -18.89 16.12 -6.38
CA LEU A 279 -17.63 16.07 -7.14
C LEU A 279 -16.67 17.18 -6.73
N THR A 280 -16.72 17.62 -5.46
CA THR A 280 -15.80 18.66 -4.98
C THR A 280 -14.53 18.02 -4.45
N GLU A 281 -14.63 17.35 -3.30
CA GLU A 281 -13.48 16.65 -2.73
C GLU A 281 -13.21 15.30 -3.40
N ILE A 282 -13.95 14.97 -4.46
CA ILE A 282 -13.70 13.72 -5.17
C ILE A 282 -12.74 13.92 -6.35
N ASP A 283 -12.70 15.11 -6.93
CA ASP A 283 -11.90 15.39 -8.11
C ASP A 283 -10.78 16.36 -7.80
N SER A 284 -9.73 16.29 -8.62
CA SER A 284 -8.58 17.18 -8.54
C SER A 284 -8.84 18.43 -9.38
N SER A 285 -8.20 19.55 -9.02
CA SER A 285 -7.24 19.66 -7.93
C SER A 285 -7.81 20.55 -6.82
N GLY A 286 -7.28 20.47 -5.59
CA GLY A 286 -6.18 19.59 -5.23
C GLY A 286 -5.25 20.26 -4.23
N ASP A 287 -3.94 20.08 -4.40
CA ASP A 287 -3.36 19.24 -5.44
C ASP A 287 -3.46 17.76 -5.07
N ASP A 288 -2.62 17.34 -4.12
CA ASP A 288 -2.78 16.01 -3.56
C ASP A 288 -4.02 15.88 -2.71
N GLN A 289 -4.71 16.99 -2.43
CA GLN A 289 -5.97 16.96 -1.69
C GLN A 289 -7.10 16.56 -2.64
N SER A 290 -6.97 15.37 -3.20
CA SER A 290 -7.93 14.81 -4.15
C SER A 290 -8.15 13.35 -3.80
N LEU A 291 -9.42 12.96 -3.65
CA LEU A 291 -9.73 11.60 -3.22
C LEU A 291 -9.24 10.56 -4.21
N LEU A 292 -9.21 10.88 -5.50
CA LEU A 292 -8.71 9.93 -6.49
C LEU A 292 -7.21 9.72 -6.34
N GLU A 293 -6.45 10.80 -6.16
CA GLU A 293 -5.00 10.67 -6.04
C GLU A 293 -4.61 9.91 -4.77
N LEU A 294 -5.46 9.93 -3.75
CA LEU A 294 -5.16 9.20 -2.52
C LEU A 294 -5.38 7.71 -2.66
N ILE A 295 -6.36 7.31 -3.48
CA ILE A 295 -6.65 5.89 -3.64
C ILE A 295 -5.62 5.21 -4.55
N VAL A 296 -5.23 5.88 -5.63
CA VAL A 296 -4.30 5.29 -6.57
C VAL A 296 -2.88 5.23 -6.06
N THR A 297 -2.58 5.90 -4.94
CA THR A 297 -1.23 5.93 -4.39
C THR A 297 -1.08 5.18 -3.07
N THR A 298 -2.17 4.69 -2.49
CA THR A 298 -2.10 4.00 -1.21
C THR A 298 -1.84 2.51 -1.40
N LYS A 299 -1.28 1.89 -0.36
CA LYS A 299 -1.04 0.46 -0.33
C LYS A 299 -2.20 -0.31 0.31
N LYS A 300 -3.32 0.35 0.58
CA LYS A 300 -4.47 -0.29 1.19
C LYS A 300 -5.23 -1.10 0.14
N ARG A 301 -5.28 -2.42 0.35
CA ARG A 301 -6.03 -3.30 -0.53
C ARG A 301 -7.53 -3.09 -0.44
N GLU A 302 -8.01 -2.40 0.59
CA GLU A 302 -9.44 -2.17 0.74
C GLU A 302 -9.91 -0.96 -0.06
N ALA A 303 -9.08 0.08 -0.13
CA ALA A 303 -9.46 1.31 -0.82
C ALA A 303 -9.65 1.11 -2.32
N ARG A 304 -9.12 0.02 -2.88
CA ARG A 304 -9.29 -0.26 -4.30
C ARG A 304 -10.76 -0.45 -4.66
N GLN A 305 -11.61 -0.75 -3.69
CA GLN A 305 -13.03 -0.91 -3.95
C GLN A 305 -13.78 0.42 -4.03
N ILE A 306 -13.11 1.53 -3.73
CA ILE A 306 -13.80 2.81 -3.66
C ILE A 306 -14.07 3.38 -5.05
N LEU A 307 -13.14 3.17 -5.99
CA LEU A 307 -13.41 3.64 -7.35
C LEU A 307 -14.47 2.81 -8.06
N ASP A 308 -15.04 1.81 -7.39
CA ASP A 308 -16.17 1.06 -7.91
C ASP A 308 -17.50 1.54 -7.31
N GLN A 309 -17.48 2.65 -6.59
CA GLN A 309 -18.70 3.23 -6.03
C GLN A 309 -19.37 4.14 -7.05
N THR A 310 -20.70 4.22 -6.97
CA THR A 310 -21.50 4.82 -8.02
C THR A 310 -21.27 6.31 -8.25
N PRO A 311 -20.70 7.11 -7.31
CA PRO A 311 -20.33 8.47 -7.70
C PRO A 311 -18.98 8.52 -8.41
N VAL A 312 -18.09 7.58 -8.09
CA VAL A 312 -16.73 7.58 -8.61
C VAL A 312 -16.59 6.71 -9.85
N LYS A 313 -17.27 5.56 -9.89
CA LYS A 313 -17.13 4.68 -11.06
C LYS A 313 -17.56 5.37 -12.34
N GLU A 314 -18.56 6.26 -12.26
CA GLU A 314 -18.93 7.03 -13.44
C GLU A 314 -17.88 8.08 -13.76
N LEU A 315 -17.17 8.56 -12.73
CA LEU A 315 -16.14 9.58 -12.94
C LEU A 315 -14.98 9.02 -13.75
N VAL A 316 -14.45 7.86 -13.34
CA VAL A 316 -13.26 7.34 -13.98
C VAL A 316 -13.58 6.65 -15.31
N SER A 317 -14.79 6.09 -15.45
CA SER A 317 -15.15 5.44 -16.71
C SER A 317 -15.25 6.46 -17.83
N LEU A 318 -15.86 7.62 -17.56
CA LEU A 318 -15.85 8.72 -18.51
C LEU A 318 -14.46 9.35 -18.65
N LYS A 319 -13.61 9.23 -17.63
CA LYS A 319 -12.25 9.71 -17.73
C LYS A 319 -11.39 8.86 -18.65
N TRP A 320 -11.78 7.61 -18.90
CA TRP A 320 -10.99 6.71 -19.73
C TRP A 320 -11.58 6.48 -21.11
N LYS A 321 -12.90 6.53 -21.25
CA LYS A 321 -13.50 6.34 -22.57
C LYS A 321 -13.02 7.42 -23.53
N ARG A 322 -13.10 8.68 -23.12
CA ARG A 322 -12.50 9.78 -23.85
C ARG A 322 -11.33 10.34 -23.05
N TYR A 323 -10.42 11.00 -23.76
CA TYR A 323 -9.24 11.66 -23.19
C TYR A 323 -8.23 10.66 -22.65
N GLY A 324 -8.65 9.76 -21.78
CA GLY A 324 -7.75 8.79 -21.18
C GLY A 324 -7.17 7.79 -22.14
N ARG A 325 -8.03 6.93 -22.70
CA ARG A 325 -7.55 5.89 -23.61
C ARG A 325 -6.83 6.42 -24.85
N PRO A 326 -7.29 7.48 -25.53
CA PRO A 326 -6.55 7.92 -26.71
C PRO A 326 -5.15 8.41 -26.40
N TYR A 327 -5.01 9.31 -25.42
CA TYR A 327 -3.69 9.85 -25.10
C TYR A 327 -2.72 8.77 -24.65
N PHE A 328 -3.22 7.75 -23.94
CA PHE A 328 -2.37 6.64 -23.54
C PHE A 328 -1.94 5.83 -24.76
N CYS A 329 -2.81 5.67 -25.75
CA CYS A 329 -2.41 4.99 -26.97
C CYS A 329 -1.49 5.88 -27.82
N VAL A 330 -1.69 7.19 -27.77
CA VAL A 330 -0.77 8.09 -28.48
C VAL A 330 0.62 7.97 -27.89
N LEU A 331 0.73 8.04 -26.57
CA LEU A 331 2.02 7.86 -25.91
C LEU A 331 2.63 6.50 -26.27
N GLY A 332 1.80 5.46 -26.29
CA GLY A 332 2.28 4.16 -26.73
C GLY A 332 2.69 4.15 -28.18
N ALA A 333 1.84 4.71 -29.05
CA ALA A 333 2.20 4.85 -30.46
C ALA A 333 3.46 5.68 -30.63
N ILE A 334 3.64 6.70 -29.79
CA ILE A 334 4.89 7.45 -29.79
C ILE A 334 6.03 6.57 -29.27
N TYR A 335 5.78 5.84 -28.18
CA TYR A 335 6.84 5.01 -27.59
C TYR A 335 7.17 3.80 -28.46
N VAL A 336 6.19 3.28 -29.21
CA VAL A 336 6.48 2.20 -30.14
C VAL A 336 7.40 2.69 -31.24
N LEU A 337 7.09 3.86 -31.82
CA LEU A 337 7.95 4.41 -32.87
C LEU A 337 9.27 4.91 -32.31
N TYR A 338 9.30 5.31 -31.05
CA TYR A 338 10.55 5.76 -30.44
C TYR A 338 11.53 4.60 -30.25
N ILE A 339 11.02 3.43 -29.87
CA ILE A 339 11.91 2.30 -29.63
C ILE A 339 12.36 1.67 -30.94
N ILE A 340 11.44 1.54 -31.92
CA ILE A 340 11.80 0.95 -33.20
C ILE A 340 12.84 1.80 -33.92
N CYS A 341 12.92 3.09 -33.60
CA CYS A 341 13.99 3.93 -34.13
C CYS A 341 15.32 3.62 -33.44
N PHE A 342 15.29 3.38 -32.12
CA PHE A 342 16.51 3.09 -31.39
C PHE A 342 17.13 1.77 -31.85
N THR A 343 16.31 0.75 -32.08
CA THR A 343 16.85 -0.50 -32.58
C THR A 343 17.40 -0.35 -33.99
N MET A 344 16.78 0.51 -34.81
CA MET A 344 17.29 0.76 -36.14
C MET A 344 18.71 1.29 -36.11
N CYS A 345 19.08 1.99 -35.03
CA CYS A 345 20.46 2.41 -34.83
C CYS A 345 21.34 1.27 -34.35
N CYS A 346 20.77 0.33 -33.59
CA CYS A 346 21.56 -0.79 -33.09
C CYS A 346 21.80 -1.82 -34.18
N VAL A 347 20.74 -2.26 -34.87
CA VAL A 347 20.88 -3.26 -35.91
C VAL A 347 21.80 -2.76 -37.02
N TYR A 348 21.86 -1.45 -37.20
CA TYR A 348 22.82 -0.82 -38.09
C TYR A 348 23.94 -0.17 -37.30
N ARG A 349 24.53 -0.95 -36.39
CA ARG A 349 25.66 -0.49 -35.60
C ARG A 349 26.89 -0.32 -36.50
N PRO A 350 27.85 0.50 -36.09
CA PRO A 350 28.95 0.86 -36.98
C PRO A 350 29.86 -0.32 -37.31
N LEU A 351 30.68 -0.09 -38.33
CA LEU A 351 31.84 -0.91 -38.64
C LEU A 351 32.77 -1.00 -37.42
N LYS A 352 33.69 -1.97 -37.39
CA LYS A 352 34.11 -2.85 -38.49
C LYS A 352 34.46 -4.25 -37.97
N PRO A 353 35.04 -5.13 -38.83
CA PRO A 353 35.64 -6.36 -38.32
C PRO A 353 36.69 -6.17 -37.23
N ARG A 354 37.24 -7.28 -36.72
CA ARG A 354 38.10 -7.23 -35.55
C ARG A 354 39.35 -6.38 -35.77
N ILE A 355 39.80 -6.27 -37.03
CA ILE A 355 41.01 -5.57 -37.47
C ILE A 355 42.15 -5.75 -36.47
N THR A 356 42.34 -6.97 -35.99
CA THR A 356 43.38 -7.27 -35.03
C THR A 356 43.72 -8.75 -35.14
N ASN A 357 44.97 -9.09 -34.84
CA ASN A 357 45.39 -10.49 -34.72
C ASN A 357 44.92 -11.13 -33.41
N ARG A 358 43.97 -10.47 -32.74
CA ARG A 358 43.42 -10.97 -31.50
C ARG A 358 42.71 -12.31 -31.67
N THR A 359 42.39 -12.69 -32.91
CA THR A 359 41.77 -13.98 -33.15
C THR A 359 42.72 -15.15 -32.96
N ASN A 360 44.03 -14.89 -32.83
CA ASN A 360 45.01 -15.95 -32.60
C ASN A 360 45.06 -16.37 -31.13
N PRO A 361 45.14 -15.44 -30.16
CA PRO A 361 45.06 -15.86 -28.76
C PRO A 361 43.66 -16.36 -28.42
N ARG A 362 43.59 -17.53 -27.77
CA ARG A 362 42.34 -18.20 -27.47
C ARG A 362 41.52 -18.41 -28.73
N ASP A 363 41.79 -19.49 -29.46
CA ASP A 363 41.12 -19.73 -30.73
C ASP A 363 39.62 -19.92 -30.59
N ASN A 364 39.10 -19.98 -29.36
CA ASN A 364 37.67 -20.00 -29.12
C ASN A 364 37.00 -18.66 -29.40
N THR A 365 37.75 -17.67 -29.87
CA THR A 365 37.25 -16.32 -30.06
C THR A 365 36.80 -16.13 -31.50
N LEU A 366 35.56 -15.66 -31.67
CA LEU A 366 35.03 -15.29 -32.98
C LEU A 366 34.66 -13.81 -33.03
N LEU A 367 35.23 -12.99 -32.15
CA LEU A 367 34.90 -11.57 -32.08
C LEU A 367 35.34 -10.84 -33.35
N GLN A 368 34.43 -10.04 -33.93
CA GLN A 368 34.74 -9.06 -34.96
C GLN A 368 34.33 -7.69 -34.46
N GLN A 369 34.93 -7.26 -33.36
CA GLN A 369 34.46 -6.11 -32.60
C GLN A 369 34.47 -4.84 -33.44
N LYS A 370 33.33 -4.15 -33.44
CA LYS A 370 33.11 -2.95 -34.23
C LYS A 370 33.30 -1.73 -33.34
N LEU A 371 34.22 -0.85 -33.71
CA LEU A 371 34.57 0.31 -32.92
C LEU A 371 34.61 1.55 -33.81
N LEU A 372 34.83 2.70 -33.18
CA LEU A 372 34.80 4.00 -33.83
C LEU A 372 36.06 4.76 -33.44
N GLN A 373 36.44 5.78 -34.22
CA GLN A 373 35.77 6.27 -35.42
C GLN A 373 36.80 6.67 -36.47
N GLU A 374 36.64 6.36 -37.76
CA GLU A 374 35.54 5.61 -38.40
C GLU A 374 34.15 6.24 -38.24
N ALA A 375 34.11 7.57 -38.16
CA ALA A 375 32.87 8.34 -38.15
C ALA A 375 33.25 9.81 -38.26
N TYR A 376 32.49 10.55 -39.07
CA TYR A 376 31.31 10.03 -39.75
C TYR A 376 31.54 9.81 -41.24
N VAL A 377 31.58 10.90 -42.01
CA VAL A 377 31.62 10.84 -43.47
C VAL A 377 30.45 9.99 -43.94
N THR A 378 29.28 10.60 -44.05
CA THR A 378 28.02 9.85 -44.10
C THR A 378 27.51 9.70 -45.52
N PRO A 379 27.46 8.49 -46.07
CA PRO A 379 26.68 8.27 -47.29
C PRO A 379 25.21 8.06 -46.94
N LYS A 380 24.89 6.85 -46.48
CA LYS A 380 23.62 6.56 -45.84
C LYS A 380 23.75 6.59 -44.32
N ASP A 381 24.89 7.05 -43.80
CA ASP A 381 25.16 7.00 -42.38
C ASP A 381 24.59 8.19 -41.63
N ASP A 382 24.23 9.27 -42.33
CA ASP A 382 23.65 10.43 -41.66
C ASP A 382 22.26 10.13 -41.10
N LEU A 383 21.55 9.16 -41.68
CA LEU A 383 20.28 8.72 -41.11
C LEU A 383 20.47 8.11 -39.73
N ARG A 384 21.64 7.50 -39.49
CA ARG A 384 21.95 6.98 -38.16
C ARG A 384 22.43 8.06 -37.21
N LEU A 385 22.95 9.18 -37.74
CA LEU A 385 23.31 10.30 -36.87
C LEU A 385 22.05 10.94 -36.29
N VAL A 386 21.07 11.24 -37.15
CA VAL A 386 19.80 11.77 -36.65
C VAL A 386 19.04 10.71 -35.87
N GLY A 387 19.28 9.43 -36.17
CA GLY A 387 18.68 8.37 -35.39
C GLY A 387 19.23 8.31 -33.97
N GLU A 388 20.56 8.41 -33.84
CA GLU A 388 21.17 8.49 -32.51
C GLU A 388 20.80 9.78 -31.81
N LEU A 389 20.52 10.84 -32.57
CA LEU A 389 20.10 12.10 -31.96
C LEU A 389 18.68 12.01 -31.44
N VAL A 390 17.78 11.37 -32.19
CA VAL A 390 16.40 11.22 -31.72
C VAL A 390 16.36 10.32 -30.50
N SER A 391 17.22 9.31 -30.45
CA SER A 391 17.21 8.38 -29.33
C SER A 391 17.74 9.04 -28.05
N ILE A 392 18.70 9.96 -28.18
CA ILE A 392 19.30 10.55 -26.98
C ILE A 392 18.44 11.69 -26.45
N VAL A 393 17.70 12.40 -27.30
CA VAL A 393 16.84 13.47 -26.81
C VAL A 393 15.62 12.91 -26.11
N GLY A 394 15.19 11.70 -26.48
CA GLY A 394 14.09 11.07 -25.77
C GLY A 394 14.49 10.56 -24.41
N ALA A 395 15.75 10.13 -24.26
CA ALA A 395 16.21 9.64 -22.96
C ALA A 395 16.22 10.74 -21.91
N VAL A 396 16.69 11.93 -22.28
CA VAL A 396 16.69 13.04 -21.34
C VAL A 396 15.27 13.54 -21.10
N ILE A 397 14.43 13.52 -22.13
CA ILE A 397 13.03 13.90 -21.96
C ILE A 397 12.35 12.98 -20.96
N ILE A 398 12.61 11.67 -21.07
CA ILE A 398 12.14 10.73 -20.06
C ILE A 398 12.74 11.09 -18.70
N LEU A 399 14.05 11.30 -18.66
CA LEU A 399 14.70 11.66 -17.40
C LEU A 399 14.14 12.96 -16.83
N LEU A 400 13.96 13.98 -17.67
CA LEU A 400 13.45 15.26 -17.18
C LEU A 400 12.06 15.12 -16.57
N VAL A 401 11.23 14.23 -17.12
CA VAL A 401 9.87 14.08 -16.62
C VAL A 401 9.76 12.99 -15.57
N GLU A 402 10.86 12.34 -15.20
CA GLU A 402 10.84 11.25 -14.23
C GLU A 402 11.74 11.49 -13.04
N ILE A 403 12.36 12.67 -12.93
CA ILE A 403 13.12 13.04 -11.74
C ILE A 403 12.14 13.78 -10.83
N PRO A 404 11.48 13.02 -9.96
CA PRO A 404 10.46 13.53 -9.05
C PRO A 404 11.06 13.75 -7.68
N ASP A 405 10.88 14.95 -7.13
CA ASP A 405 11.38 15.31 -5.81
C ASP A 405 10.39 14.92 -4.72
N GLN A 417 8.05 6.40 -5.49
CA GLN A 417 8.92 5.24 -5.53
C GLN A 417 8.24 4.02 -4.91
N THR A 418 8.78 2.83 -5.19
CA THR A 418 8.28 1.52 -4.77
C THR A 418 6.76 1.48 -4.58
N ILE A 419 6.01 1.56 -5.69
CA ILE A 419 4.56 1.52 -5.67
C ILE A 419 4.07 0.53 -6.72
N LEU A 420 2.81 0.12 -6.56
CA LEU A 420 2.20 -0.88 -7.43
C LEU A 420 1.82 -0.27 -8.78
N GLY A 421 0.89 0.68 -8.79
CA GLY A 421 0.38 1.28 -10.01
C GLY A 421 1.40 1.71 -11.05
N GLY A 422 2.24 0.79 -11.49
CA GLY A 422 3.24 1.11 -12.48
C GLY A 422 4.59 0.56 -12.14
N PRO A 423 4.72 -0.77 -12.18
CA PRO A 423 6.00 -1.43 -11.93
C PRO A 423 6.86 -1.60 -13.17
N PHE A 424 6.35 -1.23 -14.34
CA PHE A 424 7.14 -1.35 -15.56
C PHE A 424 7.98 -0.12 -15.85
N HIS A 425 7.53 1.08 -15.46
CA HIS A 425 8.24 2.29 -15.83
C HIS A 425 9.24 2.74 -14.78
N VAL A 426 9.68 1.84 -13.89
CA VAL A 426 11.00 1.99 -13.30
C VAL A 426 12.05 1.50 -14.28
N ILE A 427 11.63 0.70 -15.26
CA ILE A 427 12.52 0.26 -16.32
C ILE A 427 12.70 1.34 -17.38
N ILE A 428 11.74 2.25 -17.52
CA ILE A 428 11.87 3.30 -18.53
C ILE A 428 12.87 4.36 -18.09
N VAL A 429 13.09 4.52 -16.77
CA VAL A 429 14.08 5.49 -16.34
C VAL A 429 15.47 4.87 -16.35
N THR A 430 15.57 3.55 -16.23
CA THR A 430 16.85 2.89 -16.40
C THR A 430 17.18 2.66 -17.86
N TYR A 431 16.17 2.59 -18.73
CA TYR A 431 16.43 2.58 -20.16
C TYR A 431 17.14 3.85 -20.59
N ALA A 432 16.63 5.01 -20.16
CA ALA A 432 17.30 6.27 -20.45
C ALA A 432 18.68 6.34 -19.80
N PHE A 433 18.91 5.57 -18.74
CA PHE A 433 20.24 5.50 -18.15
C PHE A 433 21.19 4.70 -19.06
N MET A 434 20.68 3.64 -19.69
CA MET A 434 21.53 2.83 -20.56
C MET A 434 21.85 3.56 -21.86
N VAL A 435 20.92 4.36 -22.38
CA VAL A 435 21.19 5.13 -23.59
C VAL A 435 22.33 6.10 -23.34
N LEU A 436 22.29 6.82 -22.22
CA LEU A 436 23.37 7.74 -21.87
C LEU A 436 24.69 6.99 -21.69
N VAL A 437 24.65 5.85 -21.01
CA VAL A 437 25.86 5.04 -20.88
C VAL A 437 26.35 4.58 -22.25
N THR A 438 25.42 4.21 -23.13
CA THR A 438 25.81 3.90 -24.51
C THR A 438 26.42 5.12 -25.19
N MET A 439 25.88 6.31 -24.90
CA MET A 439 26.49 7.54 -25.38
C MET A 439 27.86 7.78 -24.74
N VAL A 440 28.02 7.39 -23.48
CA VAL A 440 29.33 7.45 -22.85
C VAL A 440 30.19 6.25 -23.26
N MET A 441 29.56 5.11 -23.55
CA MET A 441 30.29 4.00 -24.17
C MET A 441 30.78 4.40 -25.56
N ARG A 442 29.96 5.13 -26.30
CA ARG A 442 30.43 5.83 -27.48
C ARG A 442 31.32 6.99 -27.05
N LEU A 443 32.08 7.53 -28.01
CA LEU A 443 33.03 8.62 -27.76
C LEU A 443 34.19 8.16 -26.90
N THR A 444 34.11 6.94 -26.36
CA THR A 444 35.23 6.27 -25.71
C THR A 444 35.67 5.02 -26.43
N ASN A 445 34.79 4.37 -27.20
CA ASN A 445 35.15 3.26 -28.08
C ASN A 445 35.67 2.07 -27.28
N SER A 446 34.90 1.66 -26.28
CA SER A 446 35.30 0.57 -25.43
C SER A 446 34.93 -0.77 -26.05
N ASP A 447 35.76 -1.79 -25.79
CA ASP A 447 35.46 -3.13 -26.26
C ASP A 447 34.18 -3.67 -25.64
N GLY A 448 33.76 -3.10 -24.52
CA GLY A 448 32.45 -3.38 -23.97
C GLY A 448 31.40 -2.42 -24.51
N GLU A 449 31.43 -2.18 -25.82
CA GLU A 449 30.42 -1.37 -26.47
C GLU A 449 29.10 -2.11 -26.62
N VAL A 450 29.14 -3.44 -26.64
CA VAL A 450 27.94 -4.24 -26.88
C VAL A 450 27.08 -4.32 -25.63
N VAL A 451 27.71 -4.42 -24.45
CA VAL A 451 26.96 -4.69 -23.22
C VAL A 451 25.94 -3.60 -22.90
N PRO A 452 26.27 -2.30 -22.93
CA PRO A 452 25.25 -1.30 -22.60
C PRO A 452 24.27 -1.06 -23.74
N MET A 453 24.76 -1.18 -24.99
CA MET A 453 23.89 -1.00 -26.14
C MET A 453 22.90 -2.16 -26.29
N SER A 454 23.21 -3.32 -25.72
CA SER A 454 22.31 -4.47 -25.76
C SER A 454 21.32 -4.50 -24.62
N PHE A 455 21.61 -3.83 -23.50
CA PHE A 455 20.66 -3.80 -22.39
C PHE A 455 19.44 -2.93 -22.70
N ALA A 456 19.64 -1.85 -23.45
CA ALA A 456 18.53 -0.95 -23.76
C ALA A 456 17.53 -1.56 -24.74
N LEU A 457 17.93 -2.59 -25.49
CA LEU A 457 17.02 -3.20 -26.45
C LEU A 457 15.89 -3.94 -25.75
N VAL A 458 16.19 -4.64 -24.66
CA VAL A 458 15.17 -5.46 -24.01
C VAL A 458 14.32 -4.61 -23.07
N LEU A 459 14.93 -3.70 -22.31
CA LEU A 459 14.15 -2.87 -21.41
C LEU A 459 13.22 -1.92 -22.17
N GLY A 460 13.62 -1.49 -23.36
CA GLY A 460 12.78 -0.57 -24.11
C GLY A 460 11.54 -1.25 -24.67
N TRP A 461 11.73 -2.42 -25.29
CA TRP A 461 10.59 -3.14 -25.87
C TRP A 461 9.67 -3.69 -24.78
N CYS A 462 10.22 -4.50 -23.87
CA CYS A 462 9.42 -5.13 -22.84
C CYS A 462 8.64 -4.11 -22.02
N ASN A 463 9.08 -2.85 -22.00
CA ASN A 463 8.29 -1.80 -21.39
C ASN A 463 7.09 -1.39 -22.22
N VAL A 464 7.01 -1.82 -23.48
CA VAL A 464 5.85 -1.46 -24.28
C VAL A 464 4.65 -2.32 -23.95
N MET A 465 4.84 -3.48 -23.35
CA MET A 465 3.70 -4.24 -22.86
C MET A 465 3.15 -3.66 -21.56
N ALA A 466 3.77 -2.61 -21.02
CA ALA A 466 3.09 -1.80 -20.03
C ALA A 466 1.92 -1.05 -20.65
N PHE A 467 1.98 -0.80 -21.96
CA PHE A 467 0.84 -0.24 -22.68
C PHE A 467 -0.22 -1.29 -22.97
N ALA A 468 0.09 -2.56 -22.78
CA ALA A 468 -0.97 -3.57 -22.81
C ALA A 468 -1.92 -3.40 -21.64
N ARG A 469 -1.41 -2.91 -20.50
CA ARG A 469 -2.27 -2.44 -19.43
C ARG A 469 -3.30 -1.47 -20.01
N GLY A 470 -4.55 -1.61 -19.56
CA GLY A 470 -5.63 -0.96 -20.29
C GLY A 470 -5.82 -1.70 -21.60
N PHE A 471 -5.89 -0.95 -22.69
CA PHE A 471 -5.99 -1.54 -24.03
C PHE A 471 -7.16 -2.51 -24.10
N GLN A 472 -6.93 -3.78 -23.77
CA GLN A 472 -7.98 -4.78 -23.82
C GLN A 472 -7.85 -5.80 -22.69
N MET A 473 -8.09 -7.08 -22.99
CA MET A 473 -8.01 -8.12 -21.98
C MET A 473 -6.57 -8.60 -21.74
N LEU A 474 -5.61 -8.11 -22.51
CA LEU A 474 -4.20 -8.38 -22.21
C LEU A 474 -3.68 -7.54 -21.05
N GLY A 475 -4.46 -6.58 -20.57
CA GLY A 475 -4.09 -5.78 -19.42
C GLY A 475 -3.96 -6.59 -18.15
N PRO A 476 -5.04 -7.30 -17.75
CA PRO A 476 -4.92 -8.19 -16.59
C PRO A 476 -3.91 -9.30 -16.79
N PHE A 477 -3.60 -9.68 -18.03
CA PHE A 477 -2.53 -10.65 -18.25
C PHE A 477 -1.18 -10.08 -17.85
N THR A 478 -0.91 -8.82 -18.22
CA THR A 478 0.29 -8.17 -17.74
C THR A 478 0.26 -7.93 -16.24
N ILE A 479 -0.92 -7.90 -15.63
CA ILE A 479 -1.02 -7.88 -14.17
C ILE A 479 -0.49 -9.19 -13.60
N MET A 480 -0.82 -10.32 -14.26
CA MET A 480 -0.24 -11.59 -13.86
C MET A 480 1.27 -11.57 -13.96
N ILE A 481 1.82 -11.01 -15.04
CA ILE A 481 3.27 -10.98 -15.20
C ILE A 481 3.89 -10.01 -14.22
N GLN A 482 3.18 -8.94 -13.85
CA GLN A 482 3.70 -8.02 -12.84
C GLN A 482 3.71 -8.65 -11.46
N LYS A 483 2.68 -9.45 -11.15
CA LYS A 483 2.58 -10.10 -9.84
C LYS A 483 3.54 -11.27 -9.69
N MET A 484 4.00 -11.86 -10.80
CA MET A 484 4.92 -12.99 -10.72
C MET A 484 6.38 -12.56 -10.76
N ILE A 485 6.72 -11.59 -11.61
CA ILE A 485 8.11 -11.19 -11.79
C ILE A 485 8.69 -10.68 -10.48
N PHE A 486 7.90 -9.95 -9.69
CA PHE A 486 8.40 -9.27 -8.51
C PHE A 486 7.86 -9.89 -7.21
N GLY A 487 7.53 -11.19 -7.23
CA GLY A 487 7.02 -11.85 -6.03
C GLY A 487 7.28 -13.35 -6.05
N ASP A 488 6.50 -14.07 -6.88
CA ASP A 488 6.66 -15.53 -6.95
C ASP A 488 7.97 -15.94 -7.62
N LEU A 489 8.60 -15.04 -8.36
CA LEU A 489 9.86 -15.37 -9.03
C LEU A 489 11.02 -15.36 -8.05
N MET A 490 11.23 -14.25 -7.35
CA MET A 490 12.38 -14.11 -6.45
C MET A 490 12.38 -15.20 -5.38
N ARG A 491 11.20 -15.56 -4.87
CA ARG A 491 11.15 -16.62 -3.87
C ARG A 491 11.45 -17.98 -4.49
N PHE A 492 10.80 -18.31 -5.62
CA PHE A 492 11.03 -19.61 -6.22
C PHE A 492 12.40 -19.73 -6.86
N CYS A 493 12.99 -18.59 -7.27
CA CYS A 493 14.33 -18.64 -7.83
C CYS A 493 15.33 -19.16 -6.81
N TRP A 494 15.32 -18.61 -5.61
CA TRP A 494 16.20 -19.10 -4.55
C TRP A 494 15.98 -20.59 -4.27
N LEU A 495 14.81 -21.12 -4.60
CA LEU A 495 14.61 -22.57 -4.56
C LEU A 495 15.24 -23.23 -5.77
N MET A 496 14.97 -22.70 -6.95
CA MET A 496 15.59 -23.21 -8.18
C MET A 496 17.05 -22.81 -8.31
N ALA A 497 17.49 -21.79 -7.56
CA ALA A 497 18.92 -21.46 -7.54
C ALA A 497 19.73 -22.60 -6.97
N VAL A 498 19.19 -23.29 -5.97
CA VAL A 498 19.83 -24.50 -5.46
C VAL A 498 19.56 -25.62 -6.46
N VAL A 499 19.84 -26.87 -6.07
CA VAL A 499 19.69 -28.03 -6.93
C VAL A 499 20.59 -27.90 -8.15
N ILE A 500 20.41 -26.82 -8.91
CA ILE A 500 21.23 -26.61 -10.11
C ILE A 500 22.71 -26.65 -9.76
N LEU A 501 23.15 -25.77 -8.87
CA LEU A 501 24.57 -25.76 -8.51
C LEU A 501 24.99 -27.04 -7.80
N GLY A 502 24.06 -27.79 -7.24
CA GLY A 502 24.39 -29.13 -6.74
C GLY A 502 24.72 -30.08 -7.87
N PHE A 503 23.87 -30.10 -8.90
CA PHE A 503 24.12 -30.95 -10.06
C PHE A 503 25.13 -30.35 -11.02
N ALA A 504 25.21 -29.01 -11.10
CA ALA A 504 26.21 -28.38 -11.96
C ALA A 504 27.61 -28.63 -11.43
N SER A 505 27.80 -28.54 -10.12
CA SER A 505 29.10 -28.88 -9.55
C SER A 505 29.45 -30.34 -9.78
N ALA A 506 28.44 -31.23 -9.69
CA ALA A 506 28.67 -32.64 -9.99
C ALA A 506 29.04 -32.83 -11.46
N PHE A 507 28.20 -32.31 -12.37
CA PHE A 507 28.46 -32.45 -13.79
C PHE A 507 29.79 -31.86 -14.20
N TYR A 508 30.25 -30.83 -13.49
CA TYR A 508 31.60 -30.32 -13.73
C TYR A 508 32.64 -31.37 -13.35
N ILE A 509 32.51 -31.94 -12.15
CA ILE A 509 33.45 -32.98 -11.70
C ILE A 509 33.35 -34.20 -12.59
N ILE A 510 32.14 -34.55 -13.03
CA ILE A 510 31.95 -35.71 -13.90
C ILE A 510 32.71 -35.53 -15.20
N PHE A 511 32.66 -34.33 -15.77
CA PHE A 511 33.28 -34.06 -17.07
C PHE A 511 34.50 -33.15 -16.97
N GLN A 512 35.01 -32.91 -15.75
CA GLN A 512 36.36 -32.40 -15.62
C GLN A 512 37.37 -33.49 -15.97
N THR A 513 37.00 -34.74 -15.75
CA THR A 513 37.83 -35.88 -16.13
C THR A 513 37.73 -36.17 -17.63
N GLU A 514 36.54 -36.02 -18.20
CA GLU A 514 36.34 -36.31 -19.61
C GLU A 514 36.89 -35.18 -20.48
N ASP A 515 37.16 -35.50 -21.74
CA ASP A 515 37.72 -34.52 -22.66
C ASP A 515 36.61 -33.67 -23.25
N PRO A 516 36.63 -32.35 -23.06
CA PRO A 516 35.52 -31.51 -23.52
C PRO A 516 35.48 -31.25 -25.02
N ASP A 517 36.36 -31.85 -25.82
CA ASP A 517 36.29 -31.66 -27.26
C ASP A 517 35.00 -32.27 -27.82
N GLU A 518 34.82 -33.57 -27.60
CA GLU A 518 33.59 -34.26 -27.98
C GLU A 518 32.70 -34.37 -26.75
N LEU A 519 31.58 -33.65 -26.76
CA LEU A 519 30.66 -33.52 -25.64
C LEU A 519 31.32 -32.85 -24.45
N GLY A 520 31.37 -31.52 -24.46
CA GLY A 520 31.97 -30.79 -23.37
C GLY A 520 31.04 -29.73 -22.80
N HIS A 521 29.84 -30.16 -22.39
CA HIS A 521 28.86 -29.23 -21.83
C HIS A 521 29.37 -28.54 -20.58
N PHE A 522 30.36 -29.11 -19.90
CA PHE A 522 30.88 -28.58 -18.65
C PHE A 522 32.41 -28.54 -18.70
N TYR A 523 32.95 -27.74 -19.62
CA TYR A 523 34.39 -27.70 -19.78
C TYR A 523 35.06 -26.91 -18.66
N ASP A 524 34.51 -25.74 -18.34
CA ASP A 524 34.92 -24.98 -17.17
C ASP A 524 33.72 -24.88 -16.23
N TYR A 525 33.95 -24.25 -15.09
CA TYR A 525 32.92 -24.17 -14.05
C TYR A 525 31.81 -23.16 -14.36
N PRO A 526 32.11 -21.96 -14.87
CA PRO A 526 31.01 -21.03 -15.20
C PRO A 526 30.06 -21.58 -16.25
N MET A 527 30.58 -22.21 -17.31
CA MET A 527 29.69 -22.79 -18.32
C MET A 527 29.07 -24.09 -17.83
N ALA A 528 29.66 -24.74 -16.82
CA ALA A 528 29.04 -25.91 -16.23
C ALA A 528 27.73 -25.57 -15.55
N LEU A 529 27.65 -24.37 -14.96
CA LEU A 529 26.39 -23.93 -14.37
C LEU A 529 25.41 -23.46 -15.44
N PHE A 530 25.92 -22.79 -16.48
CA PHE A 530 25.04 -22.31 -17.55
C PHE A 530 24.45 -23.46 -18.35
N SER A 531 25.26 -24.50 -18.63
CA SER A 531 24.74 -25.65 -19.34
C SER A 531 23.77 -26.44 -18.47
N THR A 532 24.01 -26.51 -17.16
CA THR A 532 23.08 -27.20 -16.27
C THR A 532 21.78 -26.43 -16.14
N PHE A 533 21.85 -25.09 -16.10
CA PHE A 533 20.64 -24.28 -16.04
C PHE A 533 19.80 -24.44 -17.30
N GLU A 534 20.45 -24.44 -18.46
CA GLU A 534 19.73 -24.72 -19.71
C GLU A 534 19.05 -26.08 -19.65
N LEU A 535 19.74 -27.09 -19.09
CA LEU A 535 19.17 -28.42 -19.02
C LEU A 535 18.03 -28.52 -18.03
N PHE A 536 17.98 -27.63 -17.03
CA PHE A 536 16.85 -27.61 -16.12
C PHE A 536 15.56 -27.23 -16.84
N LEU A 537 15.65 -26.43 -17.88
CA LEU A 537 14.50 -26.05 -18.69
C LEU A 537 14.37 -26.88 -19.95
N THR A 538 15.10 -28.00 -20.05
CA THR A 538 14.97 -28.98 -21.13
C THR A 538 15.16 -28.33 -22.51
N ILE A 539 16.04 -27.34 -22.60
CA ILE A 539 16.31 -26.69 -23.88
C ILE A 539 17.30 -27.52 -24.69
N ILE A 540 18.49 -27.73 -24.15
CA ILE A 540 19.49 -28.55 -24.83
C ILE A 540 19.05 -30.01 -24.82
N ASP A 541 19.50 -30.76 -25.82
CA ASP A 541 19.22 -32.19 -25.89
C ASP A 541 19.79 -32.96 -24.70
N GLY A 542 20.64 -32.33 -23.89
CA GLY A 542 21.33 -33.04 -22.84
C GLY A 542 22.54 -33.74 -23.42
N PRO A 543 23.62 -33.81 -22.64
CA PRO A 543 24.84 -34.45 -23.16
C PRO A 543 24.59 -35.87 -23.66
N ALA A 544 24.57 -36.03 -24.97
CA ALA A 544 24.36 -37.32 -25.61
C ALA A 544 25.45 -37.54 -26.65
N ASN A 545 26.30 -38.54 -26.41
CA ASN A 545 27.33 -38.94 -27.35
C ASN A 545 27.37 -40.45 -27.39
N TYR A 546 27.14 -41.01 -28.57
CA TYR A 546 27.13 -42.46 -28.73
C TYR A 546 28.38 -42.99 -29.42
N ASP A 547 29.17 -42.12 -30.05
CA ASP A 547 30.47 -42.55 -30.55
C ASP A 547 31.41 -42.87 -29.40
N VAL A 548 31.40 -42.06 -28.35
CA VAL A 548 32.23 -42.28 -27.19
C VAL A 548 31.40 -42.87 -26.07
N ASP A 549 32.05 -43.25 -24.98
CA ASP A 549 31.40 -43.77 -23.79
C ASP A 549 31.44 -42.70 -22.70
N LEU A 550 30.26 -42.33 -22.20
CA LEU A 550 30.17 -41.38 -21.11
C LEU A 550 30.62 -42.03 -19.80
N PRO A 551 31.08 -41.24 -18.84
CA PRO A 551 31.53 -41.82 -17.56
C PRO A 551 30.39 -42.52 -16.85
N PHE A 552 30.76 -43.48 -16.00
CA PHE A 552 29.77 -44.29 -15.30
C PHE A 552 28.89 -43.47 -14.38
N MET A 553 29.32 -42.27 -14.02
CA MET A 553 28.57 -41.42 -13.08
C MET A 553 27.65 -40.43 -13.76
N TYR A 554 27.87 -40.10 -15.04
CA TYR A 554 26.98 -39.16 -15.71
C TYR A 554 25.61 -39.79 -15.96
N SER A 555 25.60 -41.00 -16.51
CA SER A 555 24.34 -41.69 -16.79
C SER A 555 23.52 -41.90 -15.52
N ILE A 556 24.16 -41.89 -14.35
CA ILE A 556 23.44 -42.03 -13.08
C ILE A 556 23.01 -40.66 -12.54
N THR A 557 23.86 -39.64 -12.70
CA THR A 557 23.57 -38.34 -12.11
C THR A 557 22.52 -37.57 -12.91
N TYR A 558 22.53 -37.70 -14.24
CA TYR A 558 21.59 -36.94 -15.04
C TYR A 558 20.18 -37.50 -14.97
N ALA A 559 20.04 -38.81 -14.72
CA ALA A 559 18.71 -39.38 -14.58
C ALA A 559 17.99 -38.80 -13.38
N ALA A 560 18.67 -38.67 -12.25
CA ALA A 560 18.07 -38.07 -11.07
C ALA A 560 17.75 -36.60 -11.30
N PHE A 561 18.65 -35.88 -11.97
CA PHE A 561 18.43 -34.47 -12.23
C PHE A 561 17.21 -34.25 -13.11
N ALA A 562 16.89 -35.21 -13.99
CA ALA A 562 15.74 -35.05 -14.87
C ALA A 562 14.43 -35.20 -14.10
N ILE A 563 14.37 -36.20 -13.21
CA ILE A 563 13.14 -36.44 -12.46
C ILE A 563 12.87 -35.31 -11.48
N ILE A 564 13.90 -34.85 -10.77
CA ILE A 564 13.71 -33.76 -9.83
C ILE A 564 13.37 -32.46 -10.55
N ALA A 565 14.02 -32.21 -11.69
CA ALA A 565 13.73 -30.98 -12.42
C ALA A 565 12.30 -30.94 -12.94
N THR A 566 11.71 -32.11 -13.21
CA THR A 566 10.31 -32.13 -13.64
C THR A 566 9.37 -31.98 -12.44
N LEU A 567 9.61 -32.74 -11.38
CA LEU A 567 8.79 -32.60 -10.18
C LEU A 567 8.89 -31.19 -9.61
N LEU A 568 10.10 -30.62 -9.62
CA LEU A 568 10.26 -29.25 -9.14
C LEU A 568 9.59 -28.25 -10.06
N MET A 569 9.33 -28.61 -11.32
CA MET A 569 8.61 -27.74 -12.24
C MET A 569 7.11 -28.01 -12.25
N LEU A 570 6.69 -29.26 -12.08
CA LEU A 570 5.27 -29.54 -11.91
C LEU A 570 4.73 -28.85 -10.66
N ASN A 571 5.45 -28.96 -9.55
CA ASN A 571 5.03 -28.29 -8.32
C ASN A 571 5.01 -26.78 -8.48
N LEU A 572 5.82 -26.26 -9.40
CA LEU A 572 5.77 -24.83 -9.69
C LEU A 572 4.52 -24.47 -10.48
N LEU A 573 4.06 -25.38 -11.34
CA LEU A 573 2.81 -25.12 -12.07
C LEU A 573 1.60 -25.29 -11.17
N ILE A 574 1.63 -26.29 -10.28
CA ILE A 574 0.52 -26.48 -9.36
C ILE A 574 0.46 -25.35 -8.34
N ALA A 575 1.62 -24.79 -7.96
CA ALA A 575 1.64 -23.62 -7.09
C ALA A 575 1.00 -22.40 -7.76
N MET A 576 0.90 -22.39 -9.09
CA MET A 576 0.19 -21.31 -9.77
C MET A 576 -1.30 -21.37 -9.48
N MET A 577 -1.80 -22.61 -9.44
CA MET A 577 -3.16 -22.86 -9.04
C MET A 577 -3.21 -22.34 -7.62
N GLY A 578 -4.38 -21.88 -7.22
CA GLY A 578 -4.50 -21.29 -5.89
C GLY A 578 -4.70 -19.80 -6.09
N ASP A 579 -4.10 -19.28 -7.15
CA ASP A 579 -4.23 -17.94 -7.55
C ASP A 579 -4.83 -18.23 -8.92
N THR A 580 -6.02 -18.80 -8.88
CA THR A 580 -6.74 -19.16 -10.07
C THR A 580 -8.19 -19.39 -9.69
N HIS A 581 -8.46 -19.33 -8.39
CA HIS A 581 -9.83 -19.46 -7.92
C HIS A 581 -10.73 -18.42 -8.60
N TRP A 582 -12.00 -18.40 -8.21
CA TRP A 582 -12.93 -17.47 -8.82
C TRP A 582 -12.65 -16.04 -8.37
N ARG A 583 -12.02 -15.87 -7.20
CA ARG A 583 -11.78 -14.54 -6.66
C ARG A 583 -10.54 -13.87 -7.27
N VAL A 584 -9.54 -14.65 -7.65
CA VAL A 584 -8.31 -14.05 -8.17
C VAL A 584 -8.49 -13.54 -9.59
N ALA A 585 -9.39 -14.17 -10.37
CA ALA A 585 -9.76 -13.58 -11.65
C ALA A 585 -10.48 -12.26 -11.47
N HIS A 586 -11.22 -12.12 -10.37
CA HIS A 586 -11.80 -10.83 -10.01
C HIS A 586 -10.77 -9.90 -9.37
N GLU A 587 -9.81 -10.47 -8.63
CA GLU A 587 -8.76 -9.66 -8.01
C GLU A 587 -7.91 -8.97 -9.07
N ARG A 588 -7.31 -9.74 -9.97
CA ARG A 588 -6.48 -9.14 -11.00
C ARG A 588 -7.30 -8.25 -11.94
N ASP A 589 -8.57 -8.59 -12.17
CA ASP A 589 -9.42 -7.72 -12.95
C ASP A 589 -9.74 -6.44 -12.17
N GLU A 590 -9.86 -6.54 -10.85
CA GLU A 590 -9.97 -5.34 -10.02
C GLU A 590 -8.66 -4.59 -9.96
N LEU A 591 -7.53 -5.32 -9.93
CA LEU A 591 -6.22 -4.68 -9.98
C LEU A 591 -5.96 -4.04 -11.34
N TRP A 592 -6.44 -4.67 -12.41
CA TRP A 592 -6.27 -4.10 -13.74
C TRP A 592 -6.96 -2.75 -13.85
N ARG A 593 -8.28 -2.72 -13.66
CA ARG A 593 -9.00 -1.46 -13.70
C ARG A 593 -8.48 -0.47 -12.66
N ALA A 594 -7.92 -0.97 -11.56
CA ALA A 594 -7.31 -0.08 -10.58
C ALA A 594 -6.11 0.66 -11.17
N GLN A 595 -5.15 -0.09 -11.70
CA GLN A 595 -3.98 0.54 -12.30
C GLN A 595 -4.32 1.27 -13.59
N VAL A 596 -5.47 1.00 -14.20
CA VAL A 596 -5.92 1.82 -15.32
C VAL A 596 -6.40 3.17 -14.82
N VAL A 597 -7.15 3.18 -13.71
CA VAL A 597 -7.54 4.45 -13.10
C VAL A 597 -6.31 5.17 -12.56
N ALA A 598 -5.34 4.40 -12.06
CA ALA A 598 -4.08 4.99 -11.61
C ALA A 598 -3.33 5.65 -12.76
N THR A 599 -3.35 5.02 -13.93
CA THR A 599 -2.76 5.65 -15.11
C THR A 599 -3.57 6.85 -15.58
N THR A 600 -4.89 6.81 -15.39
CA THR A 600 -5.73 7.91 -15.85
C THR A 600 -5.52 9.16 -15.01
N VAL A 601 -5.43 8.99 -13.69
CA VAL A 601 -5.23 10.14 -12.81
C VAL A 601 -3.85 10.74 -13.01
N MET A 602 -2.84 9.90 -13.26
CA MET A 602 -1.48 10.40 -13.42
C MET A 602 -1.31 11.17 -14.71
N LEU A 603 -2.02 10.78 -15.78
CA LEU A 603 -1.94 11.53 -17.03
C LEU A 603 -2.56 12.92 -16.88
N GLU A 604 -3.70 13.01 -16.18
CA GLU A 604 -4.35 14.30 -16.00
C GLU A 604 -3.49 15.26 -15.18
N ARG A 605 -2.71 14.75 -14.24
CA ARG A 605 -1.87 15.57 -13.38
C ARG A 605 -0.50 15.83 -13.98
N LYS A 606 -0.35 15.66 -15.29
CA LYS A 606 0.92 15.94 -15.97
C LYS A 606 0.66 16.62 -17.30
N LEU A 607 -0.38 16.19 -18.00
CA LEU A 607 -0.75 16.83 -19.26
C LEU A 607 -1.28 18.24 -19.00
N PRO A 608 -1.15 19.15 -19.98
CA PRO A 608 -1.63 20.52 -19.77
C PRO A 608 -3.14 20.62 -19.65
N ARG A 609 -3.67 21.84 -19.62
CA ARG A 609 -5.09 22.05 -19.43
C ARG A 609 -5.84 22.46 -20.70
N CYS A 610 -5.12 22.83 -21.77
CA CYS A 610 -5.79 23.14 -23.03
C CYS A 610 -6.48 21.92 -23.60
N LEU A 611 -5.95 20.73 -23.34
CA LEU A 611 -6.65 19.48 -23.58
C LEU A 611 -7.16 18.91 -22.25
N TRP A 612 -8.00 17.88 -22.34
CA TRP A 612 -8.53 17.18 -21.17
C TRP A 612 -9.31 18.14 -20.28
N PRO A 613 -10.58 18.38 -20.57
CA PRO A 613 -11.39 19.26 -19.71
C PRO A 613 -11.77 18.57 -18.41
N ARG A 614 -12.17 19.39 -17.43
CA ARG A 614 -12.55 18.87 -16.13
C ARG A 614 -13.84 18.07 -16.25
N SER A 615 -13.84 16.85 -15.73
CA SER A 615 -14.99 15.97 -15.86
C SER A 615 -16.16 16.52 -15.07
N GLY A 616 -17.29 16.72 -15.74
CA GLY A 616 -18.48 17.27 -15.13
C GLY A 616 -18.81 18.64 -15.69
N ILE A 617 -19.80 19.27 -15.07
CA ILE A 617 -20.26 20.60 -15.44
C ILE A 617 -20.20 21.48 -14.21
N CYS A 618 -19.86 22.75 -14.40
CA CYS A 618 -19.73 23.68 -13.28
C CYS A 618 -21.04 24.42 -13.05
N GLY A 619 -21.20 24.92 -11.82
CA GLY A 619 -22.40 25.61 -11.43
C GLY A 619 -22.22 27.11 -11.26
N ARG A 620 -22.10 27.83 -12.38
CA ARG A 620 -21.97 29.28 -12.38
C ARG A 620 -22.96 29.83 -13.39
N GLU A 621 -24.15 30.24 -12.90
CA GLU A 621 -25.28 30.65 -13.73
C GLU A 621 -25.51 29.62 -14.84
N TYR A 622 -26.17 28.50 -14.54
CA TYR A 622 -26.87 28.18 -13.29
C TYR A 622 -26.04 28.16 -12.00
N GLY A 623 -26.35 29.10 -11.10
CA GLY A 623 -25.60 29.26 -9.87
C GLY A 623 -26.01 28.29 -8.78
N LEU A 624 -25.89 26.99 -9.07
CA LEU A 624 -26.16 25.95 -8.09
C LEU A 624 -24.87 25.23 -7.67
N GLY A 625 -23.76 25.97 -7.63
CA GLY A 625 -22.50 25.40 -7.19
C GLY A 625 -21.99 26.02 -5.90
N ASP A 626 -20.84 26.70 -5.97
CA ASP A 626 -20.10 26.85 -7.23
C ASP A 626 -18.94 25.86 -7.34
N ARG A 627 -19.27 24.62 -7.73
CA ARG A 627 -18.29 23.58 -7.96
C ARG A 627 -18.68 22.84 -9.23
N TRP A 628 -18.00 21.72 -9.50
CA TRP A 628 -18.22 20.94 -10.70
C TRP A 628 -19.02 19.69 -10.37
N PHE A 629 -20.05 19.41 -11.16
CA PHE A 629 -20.99 18.33 -10.88
C PHE A 629 -21.05 17.37 -12.05
N LEU A 630 -21.24 16.09 -11.75
CA LEU A 630 -21.42 15.04 -12.75
C LEU A 630 -22.82 14.47 -12.62
N ARG A 631 -23.60 14.54 -13.70
CA ARG A 631 -24.98 14.09 -13.69
C ARG A 631 -25.02 12.62 -14.12
N VAL A 632 -25.62 11.78 -13.29
CA VAL A 632 -25.69 10.35 -13.52
C VAL A 632 -27.11 9.87 -13.25
N GLU A 633 -27.74 9.26 -14.25
CA GLU A 633 -29.05 8.66 -14.08
C GLU A 633 -28.94 7.14 -14.06
N ASP A 634 -29.81 6.51 -13.26
CA ASP A 634 -29.82 5.07 -13.10
C ASP A 634 -31.26 4.59 -13.05
N ARG A 635 -31.43 3.27 -13.19
CA ARG A 635 -32.75 2.65 -13.22
C ARG A 635 -32.83 1.57 -12.16
N GLN A 636 -33.78 1.70 -11.24
CA GLN A 636 -34.03 0.68 -10.23
C GLN A 636 -35.00 -0.36 -10.80
N ASP A 637 -34.56 -1.61 -10.83
CA ASP A 637 -35.38 -2.69 -11.39
C ASP A 637 -36.63 -2.92 -10.56
#